data_5LPM
#
_entry.id   5LPM
#
_cell.length_a   37.861
_cell.length_b   81.087
_cell.length_c   44.779
_cell.angle_alpha   90.000
_cell.angle_beta   110.580
_cell.angle_gamma   90.000
#
_symmetry.space_group_name_H-M   'P 1 21 1'
#
loop_
_entity.id
_entity.type
_entity.pdbx_description
1 polymer 'Histone acetyltransferase p300'
2 non-polymer '~{N}-[(1~{S},2~{S})-7-chloranyl-2-oxidanyl-1,2,3,4-tetrahydronaphthalen-1-yl]-4-ethanoyl-3-ethyl-5-methyl-1~{H}-pyrrole -2-carboxamide'
3 non-polymer 'ACETATE ION'
4 water water
#
_entity_poly.entity_id   1
_entity_poly.type   'polypeptide(L)'
_entity_poly.pdbx_seq_one_letter_code
;SMIFKPEELRQALMPTLEALYRQDPESLPFRQPVDPQLLGIPDYFDIVKSPMDLSTIKRKLDTGQYQEPWQYVDDIWLMF
NNAWLYNRKTSRVYKYCSKLSEVFEQEIDPVMQSLG
;
_entity_poly.pdbx_strand_id   A,B
#
loop_
_chem_comp.id
_chem_comp.type
_chem_comp.name
_chem_comp.formula
71Y non-polymer '~{N}-[(1~{S},2~{S})-7-chloranyl-2-oxidanyl-1,2,3,4-tetrahydronaphthalen-1-yl]-4-ethanoyl-3-ethyl-5-methyl-1~{H}-pyrrole -2-carboxamide' 'C20 H23 Cl N2 O3'
ACT non-polymer 'ACETATE ION' 'C2 H3 O2 -1'
#
# COMPACT_ATOMS: atom_id res chain seq x y z
N SER A 1 -7.57 25.70 1.84
CA SER A 1 -8.48 24.88 2.64
C SER A 1 -8.01 24.84 4.10
N MET A 2 -8.80 24.17 4.93
CA MET A 2 -8.48 24.05 6.35
C MET A 2 -7.46 22.96 6.58
N ILE A 3 -6.69 23.12 7.64
CA ILE A 3 -5.82 22.05 8.13
C ILE A 3 -6.64 20.99 8.85
N PHE A 4 -6.27 19.71 8.64
CA PHE A 4 -6.86 18.59 9.36
C PHE A 4 -5.75 17.77 9.97
N LYS A 5 -5.91 17.43 11.25
CA LYS A 5 -4.91 16.57 11.88
C LYS A 5 -5.31 15.10 11.72
N PRO A 6 -4.33 14.19 11.71
CA PRO A 6 -4.65 12.76 11.55
C PRO A 6 -5.64 12.22 12.58
N GLU A 7 -5.53 12.60 13.84
CA GLU A 7 -6.48 12.08 14.82
C GLU A 7 -7.90 12.58 14.56
N GLU A 8 -8.04 13.84 14.11
CA GLU A 8 -9.34 14.39 13.75
C GLU A 8 -9.97 13.63 12.60
N LEU A 9 -9.17 13.30 11.59
CA LEU A 9 -9.71 12.53 10.46
C LEU A 9 -10.10 11.12 10.89
N ARG A 10 -9.34 10.51 11.80
CA ARG A 10 -9.76 9.19 12.28
C ARG A 10 -11.09 9.27 13.02
N GLN A 11 -11.27 10.25 13.89
CA GLN A 11 -12.52 10.34 14.63
C GLN A 11 -13.69 10.55 13.69
N ALA A 12 -13.52 11.41 12.68
CA ALA A 12 -14.63 11.73 11.82
C ALA A 12 -14.89 10.62 10.83
N LEU A 13 -13.82 10.07 10.24
CA LEU A 13 -14.04 9.23 9.08
C LEU A 13 -14.03 7.75 9.41
N MET A 14 -13.33 7.31 10.44
CA MET A 14 -13.32 5.87 10.72
C MET A 14 -14.71 5.29 10.87
N PRO A 15 -15.70 5.96 11.46
CA PRO A 15 -17.04 5.32 11.52
C PRO A 15 -17.61 5.03 10.15
N THR A 16 -17.29 5.85 9.15
CA THR A 16 -17.84 5.59 7.81
C THR A 16 -17.18 4.38 7.19
N LEU A 17 -15.89 4.19 7.47
CA LEU A 17 -15.17 3.01 6.98
C LEU A 17 -15.65 1.77 7.70
N GLU A 18 -15.87 1.88 9.01
CA GLU A 18 -16.40 0.76 9.77
C GLU A 18 -17.76 0.32 9.26
N ALA A 19 -18.60 1.27 8.87
CA ALA A 19 -19.91 0.89 8.33
C ALA A 19 -19.78 0.03 7.10
N LEU A 20 -18.74 0.24 6.29
CA LEU A 20 -18.55 -0.62 5.13
C LEU A 20 -18.08 -2.00 5.56
N TYR A 21 -17.12 -2.08 6.48
CA TYR A 21 -16.68 -3.41 6.93
C TYR A 21 -17.82 -4.21 7.50
N ARG A 22 -18.77 -3.57 8.16
CA ARG A 22 -19.85 -4.29 8.79
C ARG A 22 -20.91 -4.77 7.81
N GLN A 23 -20.83 -4.42 6.53
CA GLN A 23 -21.69 -5.05 5.53
C GLN A 23 -21.14 -6.42 5.24
N ASP A 24 -21.93 -7.44 5.59
CA ASP A 24 -21.43 -8.80 5.59
C ASP A 24 -22.58 -9.55 4.99
N PRO A 25 -22.37 -10.15 3.84
CA PRO A 25 -21.12 -10.50 3.17
C PRO A 25 -20.57 -9.49 2.20
N GLU A 26 -21.24 -8.33 2.03
CA GLU A 26 -20.95 -7.51 0.86
C GLU A 26 -19.56 -6.89 0.89
N SER A 27 -18.98 -6.68 2.08
CA SER A 27 -17.63 -6.12 2.12
C SER A 27 -16.54 -7.15 1.88
N LEU A 28 -16.85 -8.44 1.94
CA LEU A 28 -15.77 -9.42 1.88
C LEU A 28 -14.87 -9.24 0.65
N PRO A 29 -15.37 -8.96 -0.54
CA PRO A 29 -14.47 -8.82 -1.70
C PRO A 29 -13.54 -7.63 -1.60
N PHE A 30 -13.78 -6.73 -0.66
CA PHE A 30 -13.09 -5.44 -0.59
C PHE A 30 -12.18 -5.34 0.60
N ARG A 31 -12.12 -6.37 1.45
CA ARG A 31 -11.33 -6.25 2.69
C ARG A 31 -9.84 -6.45 2.47
N GLN A 32 -9.42 -6.86 1.28
CA GLN A 32 -8.02 -7.06 0.98
CA GLN A 32 -8.02 -7.14 0.97
C GLN A 32 -7.81 -6.77 -0.50
N PRO A 33 -6.57 -6.52 -0.92
CA PRO A 33 -6.33 -6.24 -2.33
C PRO A 33 -6.78 -7.38 -3.24
N VAL A 34 -7.19 -7.02 -4.45
CA VAL A 34 -7.45 -8.04 -5.46
C VAL A 34 -6.16 -8.77 -5.80
N ASP A 35 -6.23 -10.09 -5.86
CA ASP A 35 -5.11 -10.95 -6.26
C ASP A 35 -5.48 -11.64 -7.56
N PRO A 36 -5.09 -11.09 -8.72
CA PRO A 36 -5.61 -11.62 -9.99
C PRO A 36 -5.17 -13.04 -10.29
N GLN A 37 -3.95 -13.40 -9.90
CA GLN A 37 -3.47 -14.76 -10.12
C GLN A 37 -4.32 -15.76 -9.35
N LEU A 38 -4.50 -15.51 -8.06
CA LEU A 38 -5.30 -16.38 -7.21
C LEU A 38 -6.73 -16.49 -7.73
N LEU A 39 -7.34 -15.35 -8.03
CA LEU A 39 -8.75 -15.28 -8.42
C LEU A 39 -8.99 -15.64 -9.88
N GLY A 40 -7.95 -16.03 -10.63
CA GLY A 40 -8.11 -16.45 -12.01
C GLY A 40 -8.53 -15.36 -12.97
N ILE A 41 -7.93 -14.18 -12.87
CA ILE A 41 -8.31 -13.07 -13.75
C ILE A 41 -7.08 -12.29 -14.20
N PRO A 42 -6.29 -12.82 -15.14
CA PRO A 42 -4.98 -12.22 -15.44
C PRO A 42 -5.03 -10.85 -16.10
N ASP A 43 -6.17 -10.38 -16.60
CA ASP A 43 -6.23 -9.06 -17.22
C ASP A 43 -6.49 -7.94 -16.19
N TYR A 44 -6.56 -8.27 -14.90
CA TYR A 44 -7.09 -7.31 -13.93
C TYR A 44 -6.25 -6.03 -13.89
N PHE A 45 -4.93 -6.17 -13.78
CA PHE A 45 -4.10 -4.97 -13.69
C PHE A 45 -3.96 -4.25 -15.03
N ASP A 46 -4.38 -4.88 -16.13
CA ASP A 46 -4.42 -4.15 -17.39
C ASP A 46 -5.64 -3.24 -17.47
N ILE A 47 -6.71 -3.58 -16.76
CA ILE A 47 -7.93 -2.77 -16.76
C ILE A 47 -7.93 -1.77 -15.61
N VAL A 48 -7.49 -2.23 -14.46
CA VAL A 48 -7.54 -1.44 -13.23
C VAL A 48 -6.13 -0.93 -12.96
N LYS A 49 -5.89 0.35 -13.29
CA LYS A 49 -4.54 0.90 -13.20
C LYS A 49 -4.16 1.37 -11.80
N SER A 50 -5.13 1.65 -10.93
CA SER A 50 -4.87 2.14 -9.58
C SER A 50 -5.69 1.32 -8.58
N PRO A 51 -5.23 0.15 -8.19
CA PRO A 51 -6.00 -0.69 -7.27
C PRO A 51 -6.19 -0.03 -5.91
N MET A 52 -7.30 -0.38 -5.25
CA MET A 52 -7.63 0.20 -3.95
C MET A 52 -8.57 -0.76 -3.23
N ASP A 53 -8.47 -0.79 -1.91
CA ASP A 53 -9.33 -1.69 -1.13
C ASP A 53 -9.45 -1.16 0.30
N LEU A 54 -10.32 -1.79 1.08
CA LEU A 54 -10.58 -1.28 2.43
C LEU A 54 -9.34 -1.35 3.33
N SER A 55 -8.51 -2.38 3.17
CA SER A 55 -7.35 -2.50 4.07
C SER A 55 -6.38 -1.36 3.83
N THR A 56 -6.21 -0.97 2.57
CA THR A 56 -5.29 0.12 2.25
C THR A 56 -5.81 1.43 2.82
N ILE A 57 -7.12 1.68 2.69
CA ILE A 57 -7.71 2.91 3.22
C ILE A 57 -7.62 2.94 4.74
N LYS A 58 -7.88 1.81 5.38
CA LYS A 58 -7.76 1.74 6.84
C LYS A 58 -6.34 2.06 7.28
N ARG A 59 -5.34 1.46 6.60
CA ARG A 59 -3.95 1.73 6.95
C ARG A 59 -3.63 3.21 6.78
N LYS A 60 -4.11 3.83 5.70
CA LYS A 60 -3.82 5.24 5.47
C LYS A 60 -4.44 6.11 6.58
N LEU A 61 -5.68 5.82 7.00
CA LEU A 61 -6.26 6.53 8.13
C LEU A 61 -5.47 6.30 9.40
N ASP A 62 -5.12 5.06 9.66
CA ASP A 62 -4.42 4.71 10.89
C ASP A 62 -3.06 5.38 10.98
N THR A 63 -2.36 5.51 9.86
CA THR A 63 -1.00 6.06 9.87
C THR A 63 -0.95 7.55 9.59
N GLY A 64 -2.07 8.17 9.24
CA GLY A 64 -2.09 9.61 9.01
C GLY A 64 -1.71 10.08 7.62
N GLN A 65 -2.01 9.28 6.60
CA GLN A 65 -1.61 9.59 5.23
C GLN A 65 -2.61 10.47 4.49
N TYR A 66 -3.75 10.81 5.08
CA TYR A 66 -4.66 11.75 4.46
C TYR A 66 -4.48 13.13 5.06
N GLN A 67 -4.30 14.12 4.18
CA GLN A 67 -4.17 15.49 4.68
C GLN A 67 -5.52 16.14 4.89
N GLU A 68 -6.53 15.70 4.16
CA GLU A 68 -7.85 16.31 4.27
C GLU A 68 -8.87 15.29 3.82
N PRO A 69 -10.13 15.44 4.21
CA PRO A 69 -11.07 14.31 4.15
C PRO A 69 -11.45 13.93 2.73
N TRP A 70 -11.38 14.86 1.77
CA TRP A 70 -11.74 14.47 0.41
C TRP A 70 -10.73 13.50 -0.19
N GLN A 71 -9.50 13.43 0.32
CA GLN A 71 -8.59 12.39 -0.14
C GLN A 71 -9.10 11.01 0.26
N TYR A 72 -9.69 10.90 1.44
CA TYR A 72 -10.28 9.62 1.84
C TYR A 72 -11.47 9.28 0.95
N VAL A 73 -12.34 10.26 0.71
CA VAL A 73 -13.48 10.06 -0.16
C VAL A 73 -13.03 9.62 -1.54
N ASP A 74 -11.95 10.21 -2.04
CA ASP A 74 -11.44 9.82 -3.35
C ASP A 74 -11.01 8.37 -3.37
N ASP A 75 -10.37 7.89 -2.31
CA ASP A 75 -9.92 6.50 -2.31
C ASP A 75 -11.11 5.54 -2.24
N ILE A 76 -12.15 5.90 -1.47
CA ILE A 76 -13.33 5.05 -1.40
C ILE A 76 -13.93 4.91 -2.79
N TRP A 77 -14.08 6.03 -3.48
CA TRP A 77 -14.70 5.99 -4.80
C TRP A 77 -13.80 5.30 -5.81
N LEU A 78 -12.49 5.40 -5.65
CA LEU A 78 -11.59 4.66 -6.54
C LEU A 78 -11.84 3.16 -6.40
N MET A 79 -11.93 2.69 -5.17
CA MET A 79 -12.25 1.28 -4.92
C MET A 79 -13.56 0.88 -5.60
N PHE A 80 -14.62 1.67 -5.40
CA PHE A 80 -15.90 1.34 -6.01
C PHE A 80 -15.80 1.39 -7.53
N ASN A 81 -15.24 2.49 -8.06
CA ASN A 81 -15.21 2.64 -9.51
C ASN A 81 -14.36 1.55 -10.17
N ASN A 82 -13.30 1.08 -9.52
CA ASN A 82 -12.52 -0.04 -10.06
C ASN A 82 -13.39 -1.28 -10.19
N ALA A 83 -14.19 -1.57 -9.16
CA ALA A 83 -15.00 -2.78 -9.20
C ALA A 83 -16.11 -2.67 -10.24
N TRP A 84 -16.72 -1.48 -10.39
CA TRP A 84 -17.73 -1.33 -11.43
C TRP A 84 -17.11 -1.35 -12.81
N LEU A 85 -15.86 -0.97 -12.94
CA LEU A 85 -15.18 -1.00 -14.22
C LEU A 85 -14.87 -2.43 -14.63
N TYR A 86 -14.31 -3.22 -13.72
CA TYR A 86 -13.78 -4.53 -14.10
C TYR A 86 -14.88 -5.58 -14.19
N ASN A 87 -15.81 -5.57 -13.25
CA ASN A 87 -16.81 -6.64 -13.13
C ASN A 87 -18.05 -6.36 -13.94
N ARG A 88 -18.70 -7.42 -14.42
CA ARG A 88 -19.93 -7.23 -15.17
C ARG A 88 -21.07 -6.82 -14.26
N LYS A 89 -22.04 -6.11 -14.83
CA LYS A 89 -23.11 -5.51 -14.06
C LYS A 89 -23.98 -6.55 -13.36
N THR A 90 -23.96 -7.80 -13.83
CA THR A 90 -24.73 -8.89 -13.24
C THR A 90 -23.94 -9.69 -12.22
N SER A 91 -22.68 -9.36 -11.98
CA SER A 91 -21.85 -10.18 -11.13
C SER A 91 -22.04 -9.86 -9.65
N ARG A 92 -21.69 -10.83 -8.82
CA ARG A 92 -21.76 -10.66 -7.36
C ARG A 92 -20.90 -9.49 -6.89
N VAL A 93 -19.66 -9.39 -7.37
CA VAL A 93 -18.81 -8.33 -6.84
C VAL A 93 -19.36 -6.95 -7.26
N TYR A 94 -19.88 -6.83 -8.49
CA TYR A 94 -20.48 -5.56 -8.88
C TYR A 94 -21.66 -5.21 -7.98
N LYS A 95 -22.54 -6.19 -7.70
CA LYS A 95 -23.71 -5.92 -6.86
C LYS A 95 -23.30 -5.60 -5.41
N TYR A 96 -22.30 -6.30 -4.89
CA TYR A 96 -21.82 -5.99 -3.56
C TYR A 96 -21.20 -4.59 -3.51
N CYS A 97 -20.48 -4.21 -4.54
CA CYS A 97 -19.96 -2.85 -4.65
C CYS A 97 -21.09 -1.83 -4.55
N SER A 98 -22.15 -2.04 -5.34
CA SER A 98 -23.28 -1.11 -5.30
C SER A 98 -23.86 -1.02 -3.90
N LYS A 99 -23.98 -2.14 -3.19
CA LYS A 99 -24.49 -2.10 -1.83
C LYS A 99 -23.59 -1.25 -0.94
N LEU A 100 -22.27 -1.48 -1.00
CA LEU A 100 -21.36 -0.68 -0.18
C LEU A 100 -21.48 0.79 -0.56
N SER A 101 -21.61 1.10 -1.84
CA SER A 101 -21.69 2.53 -2.22
C SER A 101 -22.94 3.17 -1.64
N GLU A 102 -24.06 2.45 -1.58
CA GLU A 102 -25.28 2.99 -0.99
C GLU A 102 -25.08 3.27 0.49
N VAL A 103 -24.45 2.35 1.21
CA VAL A 103 -24.15 2.57 2.61
C VAL A 103 -23.22 3.76 2.76
N PHE A 104 -22.18 3.84 1.92
CA PHE A 104 -21.23 4.93 2.05
C PHE A 104 -21.91 6.27 1.86
N GLU A 105 -22.77 6.39 0.82
CA GLU A 105 -23.41 7.67 0.56
C GLU A 105 -24.20 8.13 1.78
N GLN A 106 -24.90 7.21 2.45
CA GLN A 106 -25.67 7.53 3.64
C GLN A 106 -24.77 8.01 4.77
N GLU A 107 -23.63 7.34 4.98
CA GLU A 107 -22.79 7.60 6.11
C GLU A 107 -21.95 8.86 5.92
N ILE A 108 -21.47 9.09 4.70
CA ILE A 108 -20.46 10.15 4.51
C ILE A 108 -21.09 11.52 4.49
N ASP A 109 -22.37 11.63 4.09
CA ASP A 109 -22.94 12.95 3.87
C ASP A 109 -22.98 13.78 5.14
N PRO A 110 -23.52 13.30 6.26
CA PRO A 110 -23.51 14.14 7.46
C PRO A 110 -22.12 14.38 8.01
N VAL A 111 -21.19 13.46 7.78
CA VAL A 111 -19.84 13.61 8.29
C VAL A 111 -19.12 14.72 7.54
N MET A 112 -19.27 14.78 6.21
CA MET A 112 -18.59 15.83 5.47
C MET A 112 -19.21 17.18 5.76
N GLN A 113 -20.51 17.22 6.05
CA GLN A 113 -21.11 18.48 6.53
C GLN A 113 -20.41 18.98 7.79
N SER A 114 -20.20 18.09 8.77
CA SER A 114 -19.55 18.49 10.02
C SER A 114 -18.09 18.92 9.81
N LEU A 115 -17.38 18.24 8.91
CA LEU A 115 -15.97 18.55 8.67
C LEU A 115 -15.80 19.85 7.91
N GLY A 116 -16.72 20.15 7.00
CA GLY A 116 -16.53 21.26 6.06
C GLY A 116 -16.74 22.63 6.65
N SER B 1 2.08 -14.29 -18.76
CA SER B 1 2.75 -14.31 -17.46
C SER B 1 2.66 -15.70 -16.81
N MET B 2 3.68 -16.04 -16.00
CA MET B 2 3.74 -17.32 -15.32
C MET B 2 3.18 -17.21 -13.91
N ILE B 3 2.68 -18.32 -13.39
CA ILE B 3 2.12 -18.38 -12.04
C ILE B 3 3.23 -18.63 -11.04
N PHE B 4 3.21 -17.91 -9.91
CA PHE B 4 4.19 -18.10 -8.85
C PHE B 4 3.50 -18.43 -7.53
N LYS B 5 3.88 -19.55 -6.92
CA LYS B 5 3.30 -19.94 -5.66
C LYS B 5 3.96 -19.16 -4.54
N PRO B 6 3.22 -18.84 -3.48
CA PRO B 6 3.80 -17.98 -2.43
C PRO B 6 5.04 -18.56 -1.81
N GLU B 7 5.08 -19.86 -1.51
CA GLU B 7 6.29 -20.41 -0.91
C GLU B 7 7.46 -20.35 -1.89
N GLU B 8 7.19 -20.62 -3.17
CA GLU B 8 8.23 -20.56 -4.20
C GLU B 8 8.85 -19.16 -4.27
N LEU B 9 8.00 -18.13 -4.23
CA LEU B 9 8.51 -16.77 -4.28
C LEU B 9 9.30 -16.44 -3.04
N ARG B 10 8.78 -16.84 -1.88
CA ARG B 10 9.45 -16.50 -0.64
C ARG B 10 10.86 -17.08 -0.62
N GLN B 11 10.99 -18.33 -1.07
CA GLN B 11 12.30 -18.98 -1.07
C GLN B 11 13.27 -18.33 -2.05
N ALA B 12 12.77 -17.84 -3.20
CA ALA B 12 13.67 -17.27 -4.19
C ALA B 12 14.10 -15.86 -3.80
N LEU B 13 13.17 -15.10 -3.24
CA LEU B 13 13.44 -13.69 -3.03
C LEU B 13 13.95 -13.36 -1.63
N MET B 14 13.67 -14.21 -0.63
CA MET B 14 14.07 -13.85 0.74
C MET B 14 15.57 -13.60 0.87
N PRO B 15 16.44 -14.31 0.17
CA PRO B 15 17.88 -14.02 0.31
C PRO B 15 18.22 -12.60 -0.13
N THR B 16 17.49 -12.04 -1.10
CA THR B 16 17.78 -10.67 -1.52
C THR B 16 17.31 -9.66 -0.48
N LEU B 17 16.24 -9.97 0.26
CA LEU B 17 15.80 -9.09 1.34
C LEU B 17 16.76 -9.20 2.50
N GLU B 18 17.19 -10.41 2.83
N GLU B 18 17.14 -10.43 2.84
CA GLU B 18 18.14 -10.57 3.93
CA GLU B 18 18.16 -10.68 3.87
C GLU B 18 19.44 -9.83 3.63
C GLU B 18 19.41 -9.84 3.61
N ALA B 19 19.85 -9.80 2.35
CA ALA B 19 21.06 -9.06 2.03
C ALA B 19 20.96 -7.59 2.45
N LEU B 20 19.75 -7.01 2.39
CA LEU B 20 19.56 -5.63 2.84
C LEU B 20 19.59 -5.55 4.36
N TYR B 21 18.86 -6.43 5.05
CA TYR B 21 18.88 -6.44 6.53
C TYR B 21 20.28 -6.62 7.07
N ARG B 22 21.13 -7.36 6.35
CA ARG B 22 22.50 -7.58 6.80
C ARG B 22 23.34 -6.31 6.84
N GLN B 23 22.97 -5.26 6.09
CA GLN B 23 23.76 -4.04 6.07
C GLN B 23 23.51 -3.27 7.36
N ASP B 24 24.58 -3.07 8.12
CA ASP B 24 24.52 -2.45 9.42
C ASP B 24 25.65 -1.43 9.43
N PRO B 25 25.34 -0.14 9.55
CA PRO B 25 24.06 0.46 9.98
C PRO B 25 23.09 0.82 8.87
N GLU B 26 23.43 0.55 7.62
CA GLU B 26 22.70 1.24 6.55
C GLU B 26 21.25 0.82 6.45
N SER B 27 20.90 -0.39 6.91
CA SER B 27 19.50 -0.77 6.84
C SER B 27 18.67 -0.24 8.00
N LEU B 28 19.28 0.29 9.05
CA LEU B 28 18.52 0.67 10.23
CA LEU B 28 18.51 0.66 10.22
C LEU B 28 17.36 1.62 9.92
N PRO B 29 17.51 2.66 9.08
CA PRO B 29 16.37 3.57 8.85
C PRO B 29 15.25 2.95 8.09
N PHE B 30 15.45 1.73 7.55
CA PHE B 30 14.48 1.10 6.66
C PHE B 30 13.82 -0.11 7.28
N ARG B 31 14.15 -0.44 8.54
CA ARG B 31 13.64 -1.67 9.16
C ARG B 31 12.22 -1.54 9.68
N GLN B 32 11.67 -0.35 9.74
CA GLN B 32 10.33 -0.07 10.24
CA GLN B 32 10.30 -0.12 10.18
C GLN B 32 9.74 1.06 9.43
N PRO B 33 8.40 1.21 9.41
CA PRO B 33 7.83 2.30 8.63
C PRO B 33 8.22 3.66 9.19
N VAL B 34 8.34 4.63 8.29
CA VAL B 34 8.52 6.00 8.74
C VAL B 34 7.29 6.40 9.55
N ASP B 35 7.51 6.99 10.73
CA ASP B 35 6.43 7.48 11.58
C ASP B 35 6.61 8.99 11.69
N PRO B 36 5.93 9.77 10.85
CA PRO B 36 6.21 11.21 10.80
C PRO B 36 6.01 11.92 12.14
N GLN B 37 5.09 11.44 12.97
CA GLN B 37 4.83 12.07 14.26
C GLN B 37 5.98 11.87 15.23
N LEU B 38 6.48 10.63 15.36
CA LEU B 38 7.61 10.39 16.25
C LEU B 38 8.84 11.15 15.77
N LEU B 39 9.06 11.18 14.45
CA LEU B 39 10.28 11.72 13.85
C LEU B 39 10.23 13.21 13.63
N GLY B 40 9.12 13.87 13.99
CA GLY B 40 9.00 15.31 13.85
C GLY B 40 9.05 15.82 12.42
N ILE B 41 8.45 15.08 11.49
CA ILE B 41 8.46 15.45 10.07
C ILE B 41 7.03 15.30 9.56
N PRO B 42 6.10 16.13 10.02
CA PRO B 42 4.69 15.95 9.64
C PRO B 42 4.39 16.14 8.17
N ASP B 43 5.32 16.68 7.38
CA ASP B 43 5.08 16.80 5.94
C ASP B 43 5.40 15.52 5.17
N TYR B 44 5.84 14.47 5.85
CA TYR B 44 6.36 13.31 5.12
C TYR B 44 5.35 12.78 4.10
N PHE B 45 4.11 12.56 4.51
CA PHE B 45 3.14 11.99 3.58
C PHE B 45 2.59 13.00 2.57
N ASP B 46 2.80 14.31 2.74
CA ASP B 46 2.54 15.21 1.62
C ASP B 46 3.42 14.89 0.43
N ILE B 47 4.64 14.41 0.70
CA ILE B 47 5.66 14.15 -0.32
CA ILE B 47 5.64 14.16 -0.33
C ILE B 47 5.64 12.69 -0.76
N VAL B 48 5.57 11.77 0.19
CA VAL B 48 5.64 10.33 -0.08
C VAL B 48 4.22 9.79 -0.02
N LYS B 49 3.66 9.47 -1.18
CA LYS B 49 2.28 9.06 -1.28
C LYS B 49 2.09 7.57 -1.06
N SER B 50 3.17 6.78 -1.17
N SER B 50 3.18 6.79 -1.13
CA SER B 50 3.07 5.32 -1.02
CA SER B 50 3.11 5.32 -1.05
C SER B 50 4.28 4.84 -0.23
C SER B 50 4.29 4.83 -0.23
N PRO B 51 4.19 4.87 1.09
CA PRO B 51 5.34 4.49 1.92
C PRO B 51 5.64 3.00 1.83
N MET B 52 6.91 2.67 2.06
CA MET B 52 7.32 1.27 2.03
C MET B 52 8.58 1.14 2.85
N ASP B 53 8.80 -0.04 3.44
CA ASP B 53 9.97 -0.31 4.26
C ASP B 53 10.21 -1.83 4.30
N LEU B 54 11.36 -2.23 4.86
CA LEU B 54 11.73 -3.63 4.89
C LEU B 54 10.74 -4.48 5.65
N SER B 55 10.22 -4.00 6.78
CA SER B 55 9.32 -4.86 7.55
C SER B 55 8.04 -5.16 6.80
N THR B 56 7.56 -4.21 6.01
CA THR B 56 6.33 -4.43 5.25
C THR B 56 6.60 -5.38 4.10
N ILE B 57 7.74 -5.21 3.44
CA ILE B 57 8.11 -6.13 2.36
C ILE B 57 8.25 -7.54 2.89
N LYS B 58 8.94 -7.71 4.03
CA LYS B 58 9.08 -9.03 4.63
C LYS B 58 7.72 -9.65 4.96
N ARG B 59 6.80 -8.86 5.53
CA ARG B 59 5.48 -9.39 5.86
C ARG B 59 4.73 -9.80 4.60
N LYS B 60 4.83 -9.01 3.54
CA LYS B 60 4.13 -9.34 2.32
C LYS B 60 4.68 -10.62 1.71
N LEU B 61 5.99 -10.82 1.75
CA LEU B 61 6.59 -12.07 1.30
C LEU B 61 6.17 -13.25 2.17
N ASP B 62 6.16 -13.04 3.49
CA ASP B 62 5.83 -14.15 4.38
C ASP B 62 4.37 -14.55 4.28
N THR B 63 3.48 -13.65 3.86
CA THR B 63 2.04 -13.90 3.85
C THR B 63 1.47 -14.02 2.43
N GLY B 64 2.34 -14.14 1.44
CA GLY B 64 1.91 -14.40 0.07
C GLY B 64 1.21 -13.29 -0.65
N GLN B 65 1.51 -12.02 -0.31
CA GLN B 65 0.84 -10.88 -0.94
C GLN B 65 1.44 -10.50 -2.29
N TYR B 66 2.54 -11.11 -2.71
CA TYR B 66 3.10 -10.91 -4.04
C TYR B 66 2.69 -12.09 -4.90
N GLN B 67 2.11 -11.80 -6.07
CA GLN B 67 1.79 -12.87 -7.01
C GLN B 67 2.99 -13.25 -7.85
N GLU B 68 3.92 -12.32 -8.07
CA GLU B 68 5.03 -12.59 -8.98
C GLU B 68 6.16 -11.63 -8.64
N PRO B 69 7.39 -11.92 -9.11
CA PRO B 69 8.57 -11.27 -8.53
C PRO B 69 8.68 -9.79 -8.84
N TRP B 70 8.16 -9.32 -9.98
CA TRP B 70 8.28 -7.90 -10.27
C TRP B 70 7.53 -7.06 -9.24
N GLN B 71 6.49 -7.59 -8.60
CA GLN B 71 5.82 -6.80 -7.56
C GLN B 71 6.70 -6.62 -6.32
N TYR B 72 7.52 -7.61 -6.01
CA TYR B 72 8.49 -7.45 -4.94
C TYR B 72 9.55 -6.43 -5.32
N VAL B 73 10.08 -6.56 -6.53
CA VAL B 73 11.05 -5.59 -7.02
C VAL B 73 10.47 -4.19 -6.95
N ASP B 74 9.19 -4.01 -7.33
CA ASP B 74 8.61 -2.66 -7.30
C ASP B 74 8.59 -2.09 -5.87
N ASP B 75 8.27 -2.92 -4.87
CA ASP B 75 8.22 -2.42 -3.50
C ASP B 75 9.62 -2.05 -3.01
N ILE B 76 10.67 -2.82 -3.41
CA ILE B 76 12.03 -2.47 -3.00
C ILE B 76 12.39 -1.09 -3.56
N TRP B 77 12.15 -0.88 -4.86
CA TRP B 77 12.51 0.41 -5.45
C TRP B 77 11.60 1.53 -4.96
N LEU B 78 10.38 1.22 -4.57
CA LEU B 78 9.52 2.24 -3.97
C LEU B 78 10.12 2.72 -2.65
N MET B 79 10.57 1.77 -1.82
CA MET B 79 11.24 2.14 -0.57
C MET B 79 12.45 3.04 -0.85
N PHE B 80 13.28 2.66 -1.82
CA PHE B 80 14.46 3.46 -2.12
C PHE B 80 14.08 4.82 -2.69
N ASN B 81 13.15 4.82 -3.65
CA ASN B 81 12.81 6.09 -4.29
C ASN B 81 12.12 7.04 -3.32
N ASN B 82 11.37 6.51 -2.35
CA ASN B 82 10.79 7.41 -1.34
C ASN B 82 11.88 8.12 -0.56
N ALA B 83 12.90 7.39 -0.15
CA ALA B 83 13.97 7.98 0.64
C ALA B 83 14.78 8.99 -0.16
N TRP B 84 15.04 8.69 -1.45
CA TRP B 84 15.80 9.65 -2.26
C TRP B 84 14.96 10.87 -2.59
N LEU B 85 13.63 10.75 -2.56
CA LEU B 85 12.76 11.89 -2.86
C LEU B 85 12.66 12.80 -1.65
N TYR B 86 12.51 12.22 -0.47
CA TYR B 86 12.21 13.05 0.69
C TYR B 86 13.46 13.67 1.28
N ASN B 87 14.56 12.93 1.33
CA ASN B 87 15.76 13.33 2.05
C ASN B 87 16.76 14.03 1.12
N ARG B 88 17.54 14.94 1.70
CA ARG B 88 18.56 15.64 0.91
C ARG B 88 19.71 14.71 0.58
N LYS B 89 20.35 14.97 -0.57
CA LYS B 89 21.47 14.14 -1.02
C LYS B 89 22.60 14.06 0.00
N THR B 90 22.76 15.09 0.83
CA THR B 90 23.83 15.09 1.82
C THR B 90 23.46 14.34 3.08
N SER B 91 22.23 13.86 3.20
CA SER B 91 21.77 13.30 4.46
C SER B 91 22.19 11.85 4.61
N ARG B 92 22.25 11.42 5.88
CA ARG B 92 22.61 10.05 6.21
CA ARG B 92 22.60 10.05 6.22
C ARG B 92 21.62 9.05 5.60
N VAL B 93 20.32 9.33 5.70
CA VAL B 93 19.34 8.37 5.19
C VAL B 93 19.49 8.22 3.68
N TYR B 94 19.71 9.32 2.97
CA TYR B 94 19.92 9.26 1.53
C TYR B 94 21.12 8.38 1.20
N LYS B 95 22.25 8.61 1.89
CA LYS B 95 23.46 7.86 1.57
C LYS B 95 23.32 6.38 1.94
N TYR B 96 22.65 6.10 3.06
CA TYR B 96 22.36 4.71 3.42
C TYR B 96 21.50 4.04 2.35
N CYS B 97 20.48 4.77 1.88
CA CYS B 97 19.64 4.26 0.80
C CYS B 97 20.46 3.88 -0.43
N SER B 98 21.39 4.75 -0.81
CA SER B 98 22.26 4.45 -1.94
C SER B 98 23.04 3.16 -1.72
N LYS B 99 23.62 3.00 -0.53
CA LYS B 99 24.33 1.75 -0.23
C LYS B 99 23.40 0.54 -0.37
N LEU B 100 22.21 0.59 0.22
CA LEU B 100 21.28 -0.54 0.09
C LEU B 100 20.94 -0.83 -1.36
N SER B 101 20.74 0.22 -2.17
CA SER B 101 20.37 -0.02 -3.57
C SER B 101 21.49 -0.71 -4.33
N GLU B 102 22.76 -0.40 -4.00
CA GLU B 102 23.88 -1.06 -4.64
C GLU B 102 23.93 -2.55 -4.27
N VAL B 103 23.71 -2.86 -2.99
CA VAL B 103 23.66 -4.25 -2.55
C VAL B 103 22.52 -4.98 -3.24
N PHE B 104 21.33 -4.36 -3.27
CA PHE B 104 20.18 -4.99 -3.88
C PHE B 104 20.46 -5.34 -5.32
N GLU B 105 21.03 -4.40 -6.07
CA GLU B 105 21.24 -4.66 -7.49
C GLU B 105 22.14 -5.88 -7.71
N GLN B 106 23.18 -6.02 -6.90
CA GLN B 106 24.04 -7.19 -7.05
C GLN B 106 23.32 -8.50 -6.73
N GLU B 107 22.37 -8.50 -5.81
CA GLU B 107 21.71 -9.73 -5.40
C GLU B 107 20.53 -10.08 -6.31
N ILE B 108 19.82 -9.07 -6.80
CA ILE B 108 18.57 -9.34 -7.49
C ILE B 108 18.77 -9.81 -8.93
N ASP B 109 19.85 -9.41 -9.59
CA ASP B 109 20.00 -9.72 -11.00
C ASP B 109 19.99 -11.23 -11.27
N PRO B 110 20.82 -12.04 -10.61
CA PRO B 110 20.77 -13.49 -10.90
C PRO B 110 19.40 -14.09 -10.61
N VAL B 111 18.72 -13.62 -9.56
CA VAL B 111 17.43 -14.20 -9.22
C VAL B 111 16.40 -13.89 -10.30
N MET B 112 16.38 -12.65 -10.79
CA MET B 112 15.46 -12.27 -11.86
C MET B 112 15.88 -12.83 -13.21
N GLN B 113 17.17 -13.11 -13.40
CA GLN B 113 17.59 -13.84 -14.59
C GLN B 113 16.89 -15.19 -14.65
N SER B 114 16.65 -15.81 -13.50
CA SER B 114 15.97 -17.10 -13.48
C SER B 114 14.44 -16.99 -13.45
N LEU B 115 13.88 -15.95 -12.84
CA LEU B 115 12.42 -15.85 -12.69
C LEU B 115 11.77 -14.85 -13.64
N GLY B 116 12.47 -13.80 -14.08
CA GLY B 116 11.85 -12.65 -14.73
C GLY B 116 10.90 -12.87 -15.91
N1 71Y C . -12.25 -11.04 -3.46
C4 71Y C . -12.71 -7.78 -5.99
C5 71Y C . -12.70 -8.43 -7.21
C6 71Y C . -12.69 -7.69 -8.48
C7 71Y C . -12.14 -8.33 -9.71
C8 71Y C . -12.86 -6.33 -5.63
C10 71Y C . -12.22 -12.22 -2.59
C13 71Y C . -11.91 -13.50 0.09
C15 71Y C . -9.43 -13.36 -0.25
C17 71Y C . -8.45 -12.39 -2.17
O2 71Y C . -14.55 -11.95 -2.07
C16 71Y C . -8.30 -13.00 -0.96
C19 71Y C . -10.84 -12.49 -2.00
C18 71Y C . -9.70 -12.12 -2.70
C14 71Y C . -10.72 -13.11 -0.74
O1 71Y C . -12.92 -12.30 -5.21
C11 71Y C . -13.26 -12.12 -1.47
C9 71Y C . -12.58 -11.19 -4.75
C3 71Y C . -12.64 -9.99 -5.58
C2 71Y C . -12.67 -9.85 -6.96
C1 71Y C . -12.63 -10.95 -7.98
C12 71Y C . -13.25 -13.36 -0.61
CL 71Y C . -7.03 -11.96 -3.09
N 71Y C . -12.64 -8.74 -5.02
O 71Y C . -13.04 -6.52 -8.52
C 71Y C . -13.94 -11.19 -8.61
H12 71Y C . -12.02 -10.15 -3.03
H7 71Y C . -11.20 -8.84 -9.51
H8 71Y C . -12.82 -9.07 -10.11
H6 71Y C . -11.94 -7.61 -10.51
H9 71Y C . -13.82 -5.91 -5.94
H10 71Y C . -12.78 -6.20 -4.55
H11 71Y C . -12.08 -5.72 -6.10
H13 71Y C . -12.48 -13.08 -3.21
H19 71Y C . -11.91 -12.93 1.01
H18 71Y C . -11.75 -14.53 0.41
H20 71Y C . -9.32 -13.85 0.72
H15 71Y C . -15.18 -11.90 -1.33
H21 71Y C . -7.31 -13.19 -0.56
H22 71Y C . -9.78 -11.64 -3.67
H14 71Y C . -13.09 -11.25 -0.84
H4 71Y C . -12.24 -11.85 -7.51
H5 71Y C . -11.90 -10.68 -8.75
H16 71Y C . -14.05 -13.33 0.14
H17 71Y C . -13.47 -14.24 -1.21
H 71Y C . -12.58 -8.54 -4.02
H2 71Y C . -14.31 -10.31 -9.12
H3 71Y C . -13.88 -11.99 -9.35
H1 71Y C . -14.70 -11.48 -7.88
N1 71Y D . -14.64 -16.11 -3.88
C4 71Y D . -17.22 -17.76 -1.09
C5 71Y D . -17.65 -16.63 -0.41
C6 71Y D . -18.63 -16.71 0.70
C7 71Y D . -19.23 -15.49 1.33
C8 71Y D . -17.39 -19.21 -0.77
C10 71Y D . -13.63 -15.53 -4.79
C13 71Y D . -12.63 -17.24 -7.03
C15 71Y D . -10.71 -17.87 -5.55
C17 71Y D . -10.34 -16.85 -3.44
O2 71Y D . -13.31 -14.44 -6.92
C16 71Y D . -9.94 -17.73 -4.42
C19 71Y D . -12.32 -16.29 -4.70
C18 71Y D . -11.53 -16.14 -3.56
C14 71Y D . -11.89 -17.14 -5.72
O1 71Y D . -15.28 -14.10 -3.09
C11 71Y D . -14.11 -15.41 -6.24
C9 71Y D . -15.37 -15.33 -3.07
C3 71Y D . -16.29 -15.98 -2.12
C2 71Y D . -17.05 -15.49 -1.04
C1 71Y D . -17.23 -14.05 -0.62
C12 71Y D . -14.06 -16.74 -6.95
CL 71Y D . -9.29 -16.54 -2.07
N 71Y D . -16.43 -17.33 -2.14
O 71Y D . -18.99 -17.80 1.12
C 71Y D . -18.30 -13.39 -1.38
H12 71Y D . -14.75 -17.12 -3.92
H7 71Y D . -19.51 -14.76 0.58
H8 71Y D . -18.52 -15.01 2.00
H6 71Y D . -20.12 -15.72 1.92
H9 71Y D . -18.04 -19.38 0.09
H10 71Y D . -17.81 -19.74 -1.62
H11 71Y D . -16.43 -19.68 -0.54
H13 71Y D . -13.44 -14.52 -4.42
H19 71Y D . -12.60 -18.27 -7.40
H18 71Y D . -12.06 -16.66 -7.77
H20 71Y D . -10.38 -18.55 -6.33
H15 71Y D . -13.53 -14.56 -7.88
H21 71Y D . -9.03 -18.30 -4.28
H22 71Y D . -11.83 -15.46 -2.76
H14 71Y D . -15.13 -15.04 -6.27
H4 71Y D . -16.28 -13.52 -0.76
H5 71Y D . -17.45 -14.01 0.43
H16 71Y D . -14.67 -17.49 -6.44
H17 71Y D . -14.51 -16.66 -7.94
H 71Y D . -16.01 -17.94 -2.84
H2 71Y D . -18.42 -12.35 -1.08
H3 71Y D . -19.26 -13.88 -1.23
H1 71Y D . -18.10 -13.38 -2.46
C ACT E . -0.75 9.98 13.28
O ACT E . -1.13 10.07 14.48
OXT ACT E . -1.43 9.27 12.53
CH3 ACT E . 0.39 10.79 12.74
C ACT F . -19.09 -17.18 -6.27
O ACT F . -19.95 -17.60 -7.08
OXT ACT F . -18.99 -15.93 -6.17
CH3 ACT F . -18.20 -18.10 -5.49
N1 71Y G . 15.32 -2.42 -11.70
C4 71Y G . 16.30 1.49 -10.86
C5 71Y G . 15.04 2.02 -10.60
C6 71Y G . 14.73 3.39 -10.19
C7 71Y G . 15.82 4.32 -9.75
C8 71Y G . 17.67 2.10 -10.84
C10 71Y G . 14.98 -3.84 -11.90
C13 71Y G . 15.81 -6.54 -12.87
C15 71Y G . 15.22 -5.77 -15.19
C17 71Y G . 14.41 -3.59 -15.62
O2 71Y G . 16.04 -4.38 -9.80
C16 71Y G . 14.77 -4.83 -16.09
C19 71Y G . 14.91 -4.22 -13.37
C18 71Y G . 14.47 -3.27 -14.29
C14 71Y G . 15.29 -5.50 -13.82
O1 71Y G . 13.19 -1.84 -11.30
C11 71Y G . 16.01 -4.73 -11.18
C9 71Y G . 14.38 -1.54 -11.38
C3 71Y G . 14.82 -0.16 -11.11
C2 71Y G . 14.08 0.96 -10.76
C1 71Y G . 12.59 1.06 -10.61
C12 71Y G . 15.69 -6.20 -11.41
CL 71Y G . 13.92 -2.37 -16.76
N 71Y G . 16.14 0.18 -11.16
O 71Y G . 13.58 3.77 -10.19
C 71Y G . 11.89 1.26 -11.96
H12 71Y G . 16.30 -2.18 -11.82
H7 71Y G . 16.53 3.81 -9.10
H8 71Y G . 15.42 5.16 -9.20
H6 71Y G . 16.39 4.72 -10.60
H9 71Y G . 18.10 2.14 -9.84
H10 71Y G . 18.34 1.53 -11.47
H11 71Y G . 17.66 3.12 -11.23
H13 71Y G . 14.01 -4.02 -11.45
H19 71Y G . 16.85 -6.77 -13.11
H18 71Y G . 15.26 -7.46 -13.09
H20 71Y G . 15.53 -6.75 -15.55
H15 71Y G . 16.75 -3.70 -9.72
H21 71Y G . 14.71 -5.05 -17.16
H22 71Y G . 14.17 -2.28 -13.95
H14 71Y G . 17.02 -4.54 -11.58
H4 71Y G . 12.22 0.18 -10.11
H5 71Y G . 12.36 1.90 -9.95
H16 71Y G . 16.35 -6.83 -10.82
H17 71Y G . 14.69 -6.41 -11.02
H 71Y G . 16.90 -0.45 -11.40
H2 71Y G . 12.07 0.43 -12.63
H3 71Y G . 10.81 1.32 -11.83
H1 71Y G . 12.21 2.17 -12.46
N1 71Y H . 15.18 7.87 11.13
N1 71Y H . 14.08 5.90 10.96
C4 71Y H . 13.60 6.94 6.86
C4 71Y H . 13.60 6.86 6.93
C5 71Y H . 13.46 8.32 7.02
C5 71Y H . 13.47 8.24 7.04
C6 71Y H . 12.92 9.15 5.95
C6 71Y H . 12.98 9.08 5.93
C7 71Y H . 12.28 10.48 6.25
C7 71Y H . 12.30 10.38 6.19
C8 71Y H . 13.32 6.04 5.69
C8 71Y H . 13.46 5.95 5.76
C10 71Y H . 15.77 7.42 12.42
C10 71Y H . 14.35 5.51 12.36
C13 71Y H . 17.08 8.75 14.77
C13 71Y H . 14.48 3.43 14.54
C15 71Y H . 19.28 8.21 13.70
C15 71Y H . 12.08 3.86 14.96
C17 71Y H . 19.41 7.58 11.41
C17 71Y H . 10.75 5.16 13.49
O2 71Y H . 15.00 6.90 14.66
O2 71Y H . 16.62 4.81 11.80
C16 71Y H . 20.04 7.93 12.58
C16 71Y H . 10.84 4.34 14.58
C19 71Y H . 17.27 7.71 12.48
C19 71Y H . 13.11 5.06 13.12
C18 71Y H . 18.04 7.45 11.36
C18 71Y H . 11.86 5.53 12.75
C14 71Y H . 17.89 8.15 13.66
C14 71Y H . 13.21 4.18 14.23
O1 71Y H . 14.92 5.75 10.42
O1 71Y H . 14.64 8.07 11.25
C11 71Y H . 15.03 7.92 13.67
C11 71Y H . 15.40 4.39 12.41
C9 71Y H . 14.85 6.95 10.21
C9 71Y H . 14.25 7.16 10.52
C3 71Y H . 14.30 7.44 8.93
C3 71Y H . 14.03 7.41 9.08
C2 71Y H . 13.90 8.64 8.35
C2 71Y H . 13.76 8.60 8.40
C1 71Y H . 13.92 10.01 8.99
C1 71Y H . 13.80 10.00 8.97
C12 71Y H . 15.70 9.14 14.26
C12 71Y H . 15.68 4.00 13.84
CL 71Y H . 20.34 7.40 9.96
CL 71Y H . 9.19 5.72 12.99
N 71Y H . 14.08 6.44 8.02
N 71Y H . 13.91 6.38 8.18
O 71Y H . 12.95 8.78 4.78
O 71Y H . 13.09 8.70 4.77
C 71Y H . 15.12 10.80 8.61
C 71Y H . 15.04 10.75 8.58
H12 71Y H . 15.06 8.87 11.02
H12 71Y H . 13.76 5.15 10.36
H7 71Y H . 12.98 11.13 6.78
H7 71Y H . 12.99 11.12 6.59
H8 71Y H . 11.42 10.36 6.91
H8 71Y H . 11.51 10.27 6.93
H6 71Y H . 11.95 10.99 5.35
H6 71Y H . 11.85 10.81 5.29
H9 71Y H . 12.46 6.36 5.11
H9 71Y H . 12.62 6.20 5.12
H10 71Y H . 14.17 6.03 5.01
H10 71Y H . 14.37 5.99 5.15
H11 71Y H . 13.14 5.02 6.01
H11 71Y H . 13.33 4.92 6.07
H13 71Y H . 15.67 6.34 12.42
H13 71Y H . 14.76 6.38 12.87
H19 71Y H . 17.59 9.61 15.21
H19 71Y H . 14.35 2.38 14.28
H18 71Y H . 17.00 8.01 15.57
H18 71Y H . 14.60 3.46 15.62
H20 71Y H . 19.78 8.47 14.63
H20 71Y H . 12.16 3.22 15.83
H15 71Y H . 15.93 6.55 14.71
H15 71Y H . 16.35 5.18 10.91
H21 71Y H . 21.13 7.98 12.62
H21 71Y H . 9.95 4.09 15.15
H22 71Y H . 17.56 7.15 10.43
H22 71Y H . 11.75 6.18 11.89
H14 71Y H . 14.00 8.18 13.44
H14 71Y H . 15.06 3.50 11.86
H4 71Y H . 13.85 9.91 10.07
H4 71Y H . 13.72 9.95 10.06
H5 71Y H . 13.02 10.54 8.69
H5 71Y H . 12.91 10.54 8.62
H16 71Y H . 15.80 9.95 13.53
H16 71Y H . 16.48 3.27 13.90
H17 71Y H . 15.09 9.57 15.05
H17 71Y H . 16.06 4.86 14.39
H 71Y H . 14.24 5.45 8.18
H 71Y H . 14.04 5.40 8.39
H2 71Y H . 15.12 11.78 9.09
H2 71Y H . 15.04 11.76 9.00
H3 71Y H . 16.04 10.30 8.93
H3 71Y H . 15.94 10.25 8.92
H1 71Y H . 15.19 10.96 7.54
H1 71Y H . 15.13 10.86 7.49
C ACT I . 0.98 -4.09 4.77
O ACT I . 1.11 -4.88 5.73
OXT ACT I . 0.65 -4.60 3.67
CH3 ACT I . 1.20 -2.62 4.94
#